data_7VMW
#
_entry.id   7VMW
#
_cell.length_a   89.660
_cell.length_b   48.430
_cell.length_c   91.040
_cell.angle_alpha   90.000
_cell.angle_beta   117.869
_cell.angle_gamma   90.000
#
_symmetry.space_group_name_H-M   'P 1 21 1'
#
loop_
_entity.id
_entity.type
_entity.pdbx_description
1 polymer 'LynF/TruF/PatF family peptide O-prenyltransferase'
2 polymer 'substrate peptide'
3 non-polymer 'MAGNESIUM ION'
4 non-polymer 'GERANYL S-THIOLODIPHOSPHATE'
5 non-polymer PYROPHOSPHATE
6 water water
#
loop_
_entity_poly.entity_id
_entity_poly.type
_entity_poly.pdbx_seq_one_letter_code
_entity_poly.pdbx_strand_id
1 'polypeptide(L)'
;MKKRKSSKVFKSTIAPEEKLRYIGNHKQAFDIEPLYPLALFEEFVATTGDCIIECSGKIKQDQLYPARIDLQFSDKHHFH
NIHTSIDFLKRAASRTDVNLNLDILATFLAGNFDYSKVQNILAGIDLRQNLGESKLKLFIRIGDYPAKMAVAKHLCNITP
ESEAMLRSDTLHIGFDFYLDGRSAIELYPELKKDEFNHPFIYNQLKTILSPEALKPLPLCNLFGIGLSPANEANVLYYHL
ENIEDFLSYFPINDTARRVHDFYLQQEGSRRMWVALSESEMKAGRINNVNLYYSKAFTSQNP
;
A,B
2 'polypeptide(L)' (ACE)GAHTI(NH2) C
#
# COMPACT_ATOMS: atom_id res chain seq x y z
N SER A 7 -10.14 32.98 -5.30
CA SER A 7 -9.82 31.65 -5.76
C SER A 7 -11.07 30.73 -5.71
N LYS A 8 -11.66 30.57 -4.52
CA LYS A 8 -12.88 29.80 -4.33
C LYS A 8 -14.12 30.63 -4.66
N VAL A 9 -15.18 29.92 -5.07
CA VAL A 9 -16.49 30.52 -5.32
C VAL A 9 -17.49 30.16 -4.21
N PHE A 10 -17.57 28.90 -3.86
CA PHE A 10 -18.50 28.44 -2.83
C PHE A 10 -17.81 28.45 -1.46
N LYS A 11 -18.54 28.87 -0.43
CA LYS A 11 -17.97 29.06 0.88
C LYS A 11 -18.61 28.07 1.85
N SER A 12 -17.85 27.68 2.85
CA SER A 12 -18.31 26.74 3.85
C SER A 12 -17.57 27.05 5.14
N THR A 13 -18.21 26.76 6.27
CA THR A 13 -17.46 26.84 7.53
C THR A 13 -16.57 25.63 7.72
N ILE A 14 -16.69 24.61 6.87
CA ILE A 14 -15.95 23.35 6.99
C ILE A 14 -14.74 23.38 6.06
N ALA A 15 -13.54 23.21 6.61
CA ALA A 15 -12.43 23.13 5.68
C ALA A 15 -12.19 21.68 5.23
N PRO A 16 -11.71 21.47 4.01
CA PRO A 16 -11.40 20.10 3.59
C PRO A 16 -10.47 19.38 4.54
N GLU A 17 -9.59 20.12 5.21
CA GLU A 17 -8.63 19.54 6.13
C GLU A 17 -9.30 18.82 7.30
N GLU A 18 -10.46 19.31 7.75
CA GLU A 18 -11.19 18.67 8.86
C GLU A 18 -11.66 17.28 8.48
N LYS A 19 -12.17 17.13 7.26
CA LYS A 19 -12.59 15.81 6.78
C LYS A 19 -11.39 14.88 6.63
N LEU A 20 -10.27 15.38 6.09
CA LEU A 20 -9.10 14.53 5.91
C LEU A 20 -8.43 14.18 7.24
N ARG A 21 -8.54 15.06 8.26
CA ARG A 21 -8.03 14.73 9.60
C ARG A 21 -8.78 13.57 10.24
N TYR A 22 -10.10 13.53 10.05
CA TYR A 22 -10.87 12.43 10.61
C TYR A 22 -10.46 11.09 9.96
N ILE A 23 -10.33 11.11 8.65
CA ILE A 23 -9.82 9.91 7.98
C ILE A 23 -8.38 9.61 8.45
N GLY A 24 -7.54 10.65 8.60
CA GLY A 24 -6.15 10.44 9.02
C GLY A 24 -6.01 9.87 10.43
N ASN A 25 -6.90 10.25 11.34
CA ASN A 25 -6.88 9.66 12.68
C ASN A 25 -7.12 8.17 12.59
N HIS A 26 -8.04 7.78 11.71
CA HIS A 26 -8.34 6.36 11.48
C HIS A 26 -7.14 5.60 10.90
N LYS A 27 -6.48 6.18 9.88
CA LYS A 27 -5.29 5.59 9.28
C LYS A 27 -4.16 5.46 10.29
N GLN A 28 -3.94 6.49 11.11
CA GLN A 28 -2.88 6.40 12.10
C GLN A 28 -3.21 5.35 13.17
N ALA A 29 -4.47 5.31 13.64
CA ALA A 29 -4.83 4.38 14.70
C ALA A 29 -4.67 2.91 14.27
N PHE A 30 -5.00 2.58 13.01
CA PHE A 30 -5.04 1.19 12.55
C PHE A 30 -3.96 0.85 11.52
N ASP A 31 -2.89 1.63 11.48
CA ASP A 31 -1.69 1.29 10.71
C ASP A 31 -2.00 1.12 9.23
N ILE A 32 -2.81 2.00 8.67
CA ILE A 32 -3.13 1.93 7.24
C ILE A 32 -2.04 2.67 6.47
N GLU A 33 -1.27 1.93 5.61
CA GLU A 33 -0.35 2.54 4.66
C GLU A 33 -1.04 2.66 3.28
N PRO A 34 -0.50 3.44 2.34
CA PRO A 34 -1.23 3.69 1.08
C PRO A 34 -1.55 2.39 0.34
N LEU A 35 -2.83 2.20 0.05
CA LEU A 35 -3.37 1.18 -0.86
C LEU A 35 -4.11 1.87 -2.01
N TYR A 36 -4.00 1.35 -3.23
CA TYR A 36 -4.75 1.93 -4.34
C TYR A 36 -6.26 1.65 -4.15
N PRO A 37 -7.16 2.66 -4.37
CA PRO A 37 -6.94 4.07 -4.76
C PRO A 37 -7.29 5.02 -3.62
N LEU A 38 -6.64 4.84 -2.46
CA LEU A 38 -7.01 5.63 -1.29
C LEU A 38 -6.74 7.13 -1.50
N ALA A 39 -5.64 7.47 -2.16
CA ALA A 39 -5.32 8.88 -2.40
C ALA A 39 -6.35 9.52 -3.33
N LEU A 40 -6.75 8.81 -4.36
CA LEU A 40 -7.82 9.31 -5.23
C LEU A 40 -9.12 9.49 -4.45
N PHE A 41 -9.41 8.57 -3.52
CA PHE A 41 -10.64 8.72 -2.74
C PHE A 41 -10.57 9.96 -1.83
N GLU A 42 -9.42 10.21 -1.22
CA GLU A 42 -9.30 11.39 -0.35
C GLU A 42 -9.40 12.69 -1.15
N GLU A 43 -8.87 12.73 -2.38
CA GLU A 43 -9.06 13.95 -3.18
C GLU A 43 -10.54 14.14 -3.54
N PHE A 44 -11.29 13.04 -3.71
CA PHE A 44 -12.74 13.14 -3.92
C PHE A 44 -13.44 13.64 -2.66
N VAL A 45 -13.10 13.08 -1.50
CA VAL A 45 -13.69 13.56 -0.24
C VAL A 45 -13.49 15.07 -0.11
N ALA A 46 -12.30 15.56 -0.46
CA ALA A 46 -12.03 16.98 -0.21
C ALA A 46 -12.91 17.90 -1.05
N THR A 47 -13.46 17.42 -2.16
CA THR A 47 -14.28 18.22 -3.06
C THR A 47 -15.76 18.28 -2.70
N THR A 48 -16.23 17.51 -1.71
CA THR A 48 -17.65 17.43 -1.39
C THR A 48 -18.11 18.64 -0.56
N GLY A 49 -19.41 18.86 -0.52
CA GLY A 49 -19.97 19.84 0.40
C GLY A 49 -20.34 19.18 1.73
N ASP A 50 -21.55 19.42 2.25
CA ASP A 50 -21.96 18.84 3.53
C ASP A 50 -22.04 17.32 3.42
N CYS A 51 -21.54 16.60 4.43
CA CYS A 51 -21.53 15.15 4.33
C CYS A 51 -21.40 14.54 5.73
N ILE A 52 -21.60 13.22 5.83
CA ILE A 52 -21.22 12.41 6.99
C ILE A 52 -20.12 11.48 6.50
N ILE A 53 -19.05 11.34 7.28
CA ILE A 53 -17.99 10.39 6.99
C ILE A 53 -18.05 9.27 8.01
N GLU A 54 -18.06 8.03 7.51
CA GLU A 54 -18.20 6.83 8.34
C GLU A 54 -16.93 6.00 8.18
N CYS A 55 -16.22 5.75 9.28
CA CYS A 55 -15.07 4.84 9.27
C CYS A 55 -15.45 3.52 9.94
N SER A 56 -14.82 2.42 9.51
CA SER A 56 -15.28 1.09 9.89
C SER A 56 -14.10 0.15 10.08
N GLY A 57 -14.29 -0.88 10.90
CA GLY A 57 -13.36 -2.01 10.91
C GLY A 57 -14.12 -3.32 10.72
N LYS A 58 -13.55 -4.19 9.88
CA LYS A 58 -13.98 -5.58 9.79
C LYS A 58 -12.98 -6.47 10.53
N ILE A 59 -13.49 -7.28 11.42
CA ILE A 59 -12.70 -8.17 12.27
C ILE A 59 -13.05 -9.62 11.93
N LYS A 60 -12.04 -10.43 11.63
CA LYS A 60 -12.20 -11.87 11.44
C LYS A 60 -11.17 -12.56 12.33
N GLN A 61 -11.64 -13.15 13.44
CA GLN A 61 -10.77 -13.69 14.48
C GLN A 61 -9.77 -12.62 14.86
N ASP A 62 -8.48 -12.86 14.63
CA ASP A 62 -7.48 -11.89 15.05
C ASP A 62 -7.00 -10.99 13.92
N GLN A 63 -7.68 -10.97 12.77
CA GLN A 63 -7.31 -10.12 11.66
C GLN A 63 -8.23 -8.90 11.60
N LEU A 64 -7.63 -7.72 11.37
CA LEU A 64 -8.40 -6.49 11.27
C LEU A 64 -8.24 -5.94 9.85
N TYR A 65 -9.36 -5.59 9.22
CA TYR A 65 -9.36 -4.94 7.90
C TYR A 65 -9.98 -3.58 8.08
N PRO A 66 -9.16 -2.52 8.24
CA PRO A 66 -9.69 -1.22 8.67
C PRO A 66 -9.75 -0.18 7.55
N ALA A 67 -9.40 -0.50 6.29
CA ALA A 67 -9.37 0.50 5.20
C ALA A 67 -10.76 0.59 4.54
N ARG A 68 -11.73 0.98 5.38
CA ARG A 68 -13.16 1.02 5.07
C ARG A 68 -13.71 2.39 5.45
N ILE A 69 -14.09 3.17 4.44
CA ILE A 69 -14.60 4.53 4.63
C ILE A 69 -15.77 4.71 3.69
N ASP A 70 -16.89 5.22 4.20
CA ASP A 70 -18.02 5.63 3.36
C ASP A 70 -18.28 7.12 3.54
N LEU A 71 -18.64 7.80 2.46
CA LEU A 71 -19.01 9.22 2.51
C LEU A 71 -20.49 9.34 2.15
N GLN A 72 -21.31 9.92 3.04
CA GLN A 72 -22.74 10.14 2.76
C GLN A 72 -23.00 11.61 2.40
N PHE A 73 -23.57 11.87 1.20
CA PHE A 73 -23.86 13.24 0.80
C PHE A 73 -25.06 13.74 1.60
N SER A 74 -24.94 14.93 2.22
CA SER A 74 -26.04 15.41 3.06
C SER A 74 -27.01 16.33 2.34
N ASP A 75 -26.77 16.69 1.10
CA ASP A 75 -27.70 17.56 0.40
C ASP A 75 -28.60 16.76 -0.56
N LYS A 76 -29.42 17.49 -1.32
CA LYS A 76 -30.44 16.88 -2.14
C LYS A 76 -30.08 16.87 -3.63
N HIS A 77 -28.82 17.09 -3.97
CA HIS A 77 -28.45 17.20 -5.38
C HIS A 77 -28.12 15.79 -5.89
N HIS A 78 -29.18 15.00 -6.04
CA HIS A 78 -28.96 13.55 -6.21
C HIS A 78 -28.29 13.25 -7.53
N PHE A 79 -28.73 13.90 -8.62
CA PHE A 79 -28.09 13.67 -9.91
C PHE A 79 -26.61 13.99 -9.83
N HIS A 80 -26.28 15.20 -9.37
CA HIS A 80 -24.88 15.58 -9.22
C HIS A 80 -24.09 14.56 -8.39
N ASN A 81 -24.63 14.13 -7.25
CA ASN A 81 -23.84 13.29 -6.35
C ASN A 81 -23.62 11.89 -6.92
N ILE A 82 -24.63 11.35 -7.62
CA ILE A 82 -24.43 10.08 -8.32
C ILE A 82 -23.39 10.23 -9.44
N HIS A 83 -23.42 11.36 -10.17
CA HIS A 83 -22.49 11.47 -11.27
CA HIS A 83 -22.49 11.56 -11.29
C HIS A 83 -21.04 11.69 -10.81
N THR A 84 -20.82 12.50 -9.76
CA THR A 84 -19.47 12.63 -9.20
C THR A 84 -18.94 11.29 -8.62
N SER A 85 -19.81 10.52 -7.97
CA SER A 85 -19.39 9.21 -7.46
C SER A 85 -18.99 8.27 -8.58
N ILE A 86 -19.76 8.25 -9.67
CA ILE A 86 -19.42 7.40 -10.81
C ILE A 86 -18.12 7.85 -11.45
N ASP A 87 -17.90 9.18 -11.55
CA ASP A 87 -16.61 9.67 -12.04
C ASP A 87 -15.45 9.12 -11.20
N PHE A 88 -15.62 9.04 -9.88
CA PHE A 88 -14.59 8.44 -9.05
C PHE A 88 -14.36 6.97 -9.43
N LEU A 89 -15.44 6.20 -9.60
CA LEU A 89 -15.28 4.81 -10.06
C LEU A 89 -14.51 4.73 -11.39
N LYS A 90 -14.83 5.60 -12.34
CA LYS A 90 -14.17 5.53 -13.65
C LYS A 90 -12.71 5.99 -13.59
N ARG A 91 -12.37 6.94 -12.71
CA ARG A 91 -10.97 7.33 -12.56
C ARG A 91 -10.16 6.20 -11.91
N ALA A 92 -10.74 5.53 -10.92
CA ALA A 92 -10.06 4.37 -10.32
C ALA A 92 -9.80 3.28 -11.37
N ALA A 93 -10.78 3.02 -12.25
CA ALA A 93 -10.68 1.97 -13.24
C ALA A 93 -9.69 2.28 -14.35
N SER A 94 -9.11 3.48 -14.38
CA SER A 94 -8.18 3.78 -15.47
C SER A 94 -6.86 3.05 -15.32
N ARG A 95 -6.53 2.55 -14.13
CA ARG A 95 -5.31 1.75 -13.96
C ARG A 95 -5.38 0.50 -14.85
N THR A 96 -4.29 0.17 -15.57
CA THR A 96 -4.46 -0.82 -16.63
C THR A 96 -4.74 -2.21 -16.06
N ASP A 97 -4.28 -2.51 -14.86
CA ASP A 97 -4.52 -3.84 -14.30
C ASP A 97 -5.70 -3.86 -13.34
N VAL A 98 -6.56 -2.84 -13.39
CA VAL A 98 -7.82 -2.81 -12.66
C VAL A 98 -8.95 -2.94 -13.68
N ASN A 99 -9.90 -3.82 -13.42
CA ASN A 99 -11.09 -3.92 -14.24
C ASN A 99 -12.32 -3.95 -13.35
N LEU A 100 -13.28 -3.09 -13.65
CA LEU A 100 -14.51 -2.98 -12.88
C LEU A 100 -15.66 -3.40 -13.76
N ASN A 101 -16.52 -4.25 -13.24
CA ASN A 101 -17.71 -4.63 -13.96
C ASN A 101 -18.86 -3.81 -13.40
N LEU A 102 -19.25 -2.77 -14.12
CA LEU A 102 -20.34 -1.90 -13.74
C LEU A 102 -21.71 -2.32 -14.29
N ASP A 103 -21.83 -3.52 -14.87
CA ASP A 103 -23.08 -3.88 -15.56
C ASP A 103 -24.30 -3.90 -14.64
N ILE A 104 -24.14 -4.35 -13.38
CA ILE A 104 -25.27 -4.37 -12.45
C ILE A 104 -25.77 -2.96 -12.13
N LEU A 105 -24.86 -2.03 -11.90
CA LEU A 105 -25.27 -0.65 -11.72
C LEU A 105 -25.89 -0.09 -12.98
N ALA A 106 -25.31 -0.40 -14.15
CA ALA A 106 -25.90 0.05 -15.42
C ALA A 106 -27.35 -0.39 -15.55
N THR A 107 -27.64 -1.66 -15.25
CA THR A 107 -29.01 -2.17 -15.29
C THR A 107 -29.93 -1.37 -14.36
N PHE A 108 -29.47 -1.10 -13.15
CA PHE A 108 -30.28 -0.39 -12.16
C PHE A 108 -30.58 1.04 -12.61
N LEU A 109 -29.61 1.71 -13.23
CA LEU A 109 -29.79 3.10 -13.65
C LEU A 109 -30.29 3.25 -15.11
N ALA A 110 -30.62 2.17 -15.82
CA ALA A 110 -30.97 2.29 -17.24
C ALA A 110 -32.32 2.98 -17.46
N GLY A 111 -32.51 3.52 -18.67
CA GLY A 111 -33.75 4.16 -19.05
C GLY A 111 -33.76 5.60 -18.58
N ASN A 112 -34.97 6.12 -18.37
CA ASN A 112 -35.11 7.50 -17.90
C ASN A 112 -35.25 7.45 -16.37
N PHE A 113 -34.11 7.24 -15.72
CA PHE A 113 -34.09 7.07 -14.27
C PHE A 113 -34.65 8.30 -13.58
N ASP A 114 -35.53 8.07 -12.61
CA ASP A 114 -36.22 9.15 -11.90
C ASP A 114 -35.42 9.56 -10.64
N TYR A 115 -34.51 10.53 -10.80
CA TYR A 115 -33.68 10.96 -9.66
C TYR A 115 -34.49 11.59 -8.53
N SER A 116 -35.74 12.01 -8.78
CA SER A 116 -36.51 12.58 -7.68
C SER A 116 -36.96 11.53 -6.69
N LYS A 117 -36.82 10.25 -7.03
CA LYS A 117 -37.14 9.14 -6.13
C LYS A 117 -35.97 8.77 -5.21
N VAL A 118 -34.79 9.33 -5.44
CA VAL A 118 -33.63 9.00 -4.62
C VAL A 118 -33.79 9.69 -3.27
N GLN A 119 -33.45 8.97 -2.21
CA GLN A 119 -33.50 9.51 -0.87
C GLN A 119 -32.13 9.69 -0.22
N ASN A 120 -31.14 8.85 -0.55
CA ASN A 120 -29.84 8.88 0.11
C ASN A 120 -28.80 8.30 -0.85
N ILE A 121 -27.56 8.84 -0.81
CA ILE A 121 -26.45 8.34 -1.64
C ILE A 121 -25.18 8.27 -0.80
N LEU A 122 -24.42 7.17 -0.94
CA LEU A 122 -23.07 7.09 -0.36
C LEU A 122 -22.09 6.52 -1.36
N ALA A 123 -20.82 6.94 -1.25
CA ALA A 123 -19.71 6.36 -2.00
C ALA A 123 -18.61 5.92 -1.02
N GLY A 124 -17.92 4.80 -1.30
CA GLY A 124 -16.95 4.34 -0.31
C GLY A 124 -15.97 3.31 -0.86
N ILE A 125 -15.09 2.83 0.04
CA ILE A 125 -13.99 1.93 -0.31
C ILE A 125 -13.92 0.87 0.79
N ASP A 126 -13.39 -0.34 0.42
CA ASP A 126 -12.86 -1.34 1.38
C ASP A 126 -11.59 -1.96 0.77
N LEU A 127 -10.42 -1.49 1.19
CA LEU A 127 -9.17 -1.79 0.50
C LEU A 127 -8.34 -2.84 1.24
N ARG A 128 -7.64 -3.66 0.46
CA ARG A 128 -6.87 -4.76 1.02
C ARG A 128 -5.47 -4.75 0.41
N GLN A 129 -4.55 -5.47 1.07
CA GLN A 129 -3.19 -5.52 0.53
C GLN A 129 -3.13 -6.19 -0.84
N ASN A 130 -3.97 -7.19 -1.09
CA ASN A 130 -4.06 -7.78 -2.43
C ASN A 130 -5.01 -6.95 -3.30
N LEU A 131 -4.50 -6.44 -4.44
CA LEU A 131 -5.29 -5.54 -5.28
C LEU A 131 -6.67 -6.13 -5.63
N GLY A 132 -6.71 -7.39 -6.07
CA GLY A 132 -7.97 -7.94 -6.57
C GLY A 132 -9.02 -8.13 -5.50
N GLU A 133 -8.62 -8.23 -4.23
CA GLU A 133 -9.57 -8.36 -3.14
C GLU A 133 -10.12 -7.02 -2.67
N SER A 134 -9.59 -5.90 -3.14
CA SER A 134 -10.10 -4.58 -2.79
C SER A 134 -11.39 -4.30 -3.54
N LYS A 135 -12.25 -3.45 -2.99
CA LYS A 135 -13.48 -3.07 -3.71
C LYS A 135 -13.86 -1.61 -3.47
N LEU A 136 -14.61 -1.05 -4.44
CA LEU A 136 -15.26 0.23 -4.34
C LEU A 136 -16.76 0.03 -4.16
N LYS A 137 -17.42 1.03 -3.58
CA LYS A 137 -18.81 0.90 -3.14
C LYS A 137 -19.63 2.11 -3.57
N LEU A 138 -20.89 1.85 -3.97
CA LEU A 138 -21.88 2.92 -4.17
C LEU A 138 -23.18 2.45 -3.52
N PHE A 139 -23.86 3.37 -2.80
CA PHE A 139 -25.15 3.06 -2.19
C PHE A 139 -26.16 4.05 -2.70
N ILE A 140 -27.36 3.56 -2.99
CA ILE A 140 -28.47 4.43 -3.39
C ILE A 140 -29.73 3.95 -2.65
N ARG A 141 -30.40 4.85 -1.92
CA ARG A 141 -31.69 4.53 -1.32
C ARG A 141 -32.79 5.14 -2.17
N ILE A 142 -33.82 4.37 -2.50
CA ILE A 142 -34.95 4.89 -3.25
C ILE A 142 -36.23 4.67 -2.45
N GLY A 143 -37.24 5.47 -2.75
CA GLY A 143 -38.55 5.28 -2.16
C GLY A 143 -39.65 5.43 -3.18
N ASP A 144 -40.74 4.70 -2.94
CA ASP A 144 -41.92 4.63 -3.80
C ASP A 144 -41.60 4.70 -5.30
N TYR A 145 -40.88 3.70 -5.78
CA TYR A 145 -40.39 3.65 -7.16
C TYR A 145 -40.55 2.21 -7.63
N PRO A 146 -41.77 1.81 -8.01
CA PRO A 146 -42.02 0.38 -8.29
C PRO A 146 -41.13 -0.24 -9.36
N ALA A 147 -40.89 0.43 -10.50
CA ALA A 147 -40.09 -0.19 -11.56
C ALA A 147 -38.65 -0.48 -11.11
N LYS A 148 -38.03 0.43 -10.36
CA LYS A 148 -36.65 0.16 -9.99
C LYS A 148 -36.55 -0.67 -8.71
N MET A 149 -37.57 -0.66 -7.86
CA MET A 149 -37.51 -1.64 -6.79
C MET A 149 -37.62 -3.05 -7.38
N ALA A 150 -38.39 -3.23 -8.45
CA ALA A 150 -38.47 -4.55 -9.07
C ALA A 150 -37.13 -4.96 -9.68
N VAL A 151 -36.43 -4.01 -10.31
CA VAL A 151 -35.14 -4.33 -10.90
C VAL A 151 -34.11 -4.71 -9.83
N ALA A 152 -34.08 -3.98 -8.71
CA ALA A 152 -33.15 -4.32 -7.61
C ALA A 152 -33.44 -5.71 -7.06
N LYS A 153 -34.72 -6.04 -6.86
CA LYS A 153 -35.07 -7.37 -6.36
C LYS A 153 -34.65 -8.45 -7.34
N HIS A 154 -34.73 -8.18 -8.65
CA HIS A 154 -34.36 -9.20 -9.62
C HIS A 154 -32.85 -9.39 -9.65
N LEU A 155 -32.09 -8.31 -9.51
CA LEU A 155 -30.64 -8.44 -9.51
C LEU A 155 -30.17 -9.19 -8.27
N CYS A 156 -30.93 -9.11 -7.18
CA CYS A 156 -30.56 -9.78 -5.93
C CYS A 156 -30.91 -11.27 -5.90
N ASN A 157 -31.77 -11.77 -6.79
CA ASN A 157 -31.93 -13.22 -6.97
C ASN A 157 -32.45 -13.92 -5.71
N ILE A 158 -33.52 -13.41 -5.18
CA ILE A 158 -34.08 -14.00 -3.98
C ILE A 158 -35.40 -14.66 -4.38
N THR A 159 -35.90 -15.52 -3.50
CA THR A 159 -37.10 -16.28 -3.87
C THR A 159 -38.33 -15.37 -3.89
N PRO A 160 -39.42 -15.80 -4.51
CA PRO A 160 -40.68 -15.04 -4.43
C PRO A 160 -41.20 -14.87 -3.00
N GLU A 161 -40.99 -15.85 -2.12
CA GLU A 161 -41.32 -15.68 -0.70
C GLU A 161 -40.59 -14.47 -0.12
N SER A 162 -39.27 -14.41 -0.28
CA SER A 162 -38.52 -13.34 0.36
C SER A 162 -38.82 -12.00 -0.30
N GLU A 163 -38.91 -11.98 -1.64
CA GLU A 163 -39.29 -10.78 -2.38
C GLU A 163 -40.55 -10.14 -1.80
N ALA A 164 -41.51 -10.97 -1.39
CA ALA A 164 -42.75 -10.46 -0.84
C ALA A 164 -42.54 -9.71 0.48
N MET A 165 -41.51 -10.07 1.27
CA MET A 165 -41.30 -9.46 2.58
C MET A 165 -40.60 -8.09 2.55
N LEU A 166 -40.18 -7.62 1.38
CA LEU A 166 -39.54 -6.30 1.30
C LEU A 166 -40.61 -5.22 1.24
N ARG A 167 -40.30 -4.05 1.81
CA ARG A 167 -41.28 -2.99 1.90
C ARG A 167 -41.23 -2.09 0.67
N SER A 168 -42.32 -1.37 0.42
CA SER A 168 -42.38 -0.60 -0.81
C SER A 168 -42.05 0.89 -0.63
N ASP A 169 -42.08 1.41 0.60
CA ASP A 169 -41.89 2.84 0.80
C ASP A 169 -40.44 3.27 0.67
N THR A 170 -39.47 2.48 1.15
CA THR A 170 -38.07 2.85 1.09
C THR A 170 -37.22 1.59 0.98
N LEU A 171 -36.07 1.69 0.30
CA LEU A 171 -35.15 0.55 0.25
C LEU A 171 -33.74 1.04 0.02
N HIS A 172 -32.86 0.71 0.97
CA HIS A 172 -31.42 0.94 0.82
C HIS A 172 -30.75 -0.16 -0.01
N ILE A 173 -29.95 0.23 -1.00
CA ILE A 173 -29.36 -0.68 -1.96
C ILE A 173 -27.86 -0.39 -2.07
N GLY A 174 -27.01 -1.41 -1.92
CA GLY A 174 -25.57 -1.24 -2.07
C GLY A 174 -25.04 -1.99 -3.29
N PHE A 175 -24.00 -1.42 -3.92
CA PHE A 175 -23.31 -2.03 -5.06
C PHE A 175 -21.83 -2.17 -4.68
N ASP A 176 -21.25 -3.37 -4.87
CA ASP A 176 -19.82 -3.62 -4.60
C ASP A 176 -19.12 -3.87 -5.93
N PHE A 177 -17.93 -3.26 -6.15
CA PHE A 177 -17.13 -3.45 -7.38
C PHE A 177 -15.69 -3.83 -6.99
N TYR A 178 -15.35 -5.12 -7.09
CA TYR A 178 -13.99 -5.55 -6.79
C TYR A 178 -13.07 -5.12 -7.93
N LEU A 179 -11.81 -4.88 -7.60
CA LEU A 179 -10.86 -4.38 -8.58
C LEU A 179 -10.44 -5.45 -9.61
N ASP A 180 -10.77 -6.73 -9.40
CA ASP A 180 -10.53 -7.76 -10.40
C ASP A 180 -11.76 -8.07 -11.23
N GLY A 181 -12.80 -7.26 -11.18
CA GLY A 181 -13.94 -7.47 -12.07
C GLY A 181 -15.16 -8.18 -11.49
N ARG A 182 -15.10 -8.66 -10.24
CA ARG A 182 -16.28 -9.22 -9.60
C ARG A 182 -17.18 -8.10 -9.07
N SER A 183 -18.50 -8.35 -9.06
CA SER A 183 -19.44 -7.35 -8.56
CA SER A 183 -19.41 -7.36 -8.52
C SER A 183 -20.62 -8.02 -7.87
N ALA A 184 -21.28 -7.24 -6.99
CA ALA A 184 -22.49 -7.77 -6.37
C ALA A 184 -23.42 -6.65 -5.91
N ILE A 185 -24.71 -6.97 -5.82
CA ILE A 185 -25.71 -6.06 -5.24
C ILE A 185 -26.10 -6.58 -3.84
N GLU A 186 -26.45 -5.67 -2.92
CA GLU A 186 -27.02 -6.06 -1.63
C GLU A 186 -28.24 -5.20 -1.33
N LEU A 187 -29.34 -5.82 -0.88
CA LEU A 187 -30.51 -5.08 -0.41
C LEU A 187 -30.51 -5.10 1.12
N TYR A 188 -30.88 -3.98 1.75
CA TYR A 188 -30.91 -3.88 3.21
C TYR A 188 -32.31 -3.52 3.73
N PRO A 189 -33.28 -4.44 3.65
CA PRO A 189 -34.59 -4.15 4.26
C PRO A 189 -34.43 -3.89 5.76
N GLU A 190 -35.29 -3.00 6.28
CA GLU A 190 -35.11 -2.43 7.62
C GLU A 190 -36.46 -2.18 8.29
N LEU A 191 -36.38 -1.97 9.60
CA LEU A 191 -37.50 -1.63 10.47
C LEU A 191 -37.03 -0.56 11.47
N LYS A 192 -37.80 0.52 11.63
CA LYS A 192 -37.47 1.49 12.67
C LYS A 192 -38.00 1.04 14.04
N LYS A 193 -37.52 1.73 15.07
CA LYS A 193 -37.92 1.45 16.46
C LYS A 193 -39.45 1.34 16.60
N ASP A 194 -40.19 2.33 16.10
CA ASP A 194 -41.64 2.30 16.23
C ASP A 194 -42.25 1.08 15.59
N GLU A 195 -41.59 0.51 14.59
CA GLU A 195 -42.08 -0.66 13.87
C GLU A 195 -41.70 -1.95 14.55
N PHE A 196 -40.40 -2.15 14.85
CA PHE A 196 -40.11 -3.43 15.49
C PHE A 196 -40.55 -3.50 16.98
N ASN A 197 -41.24 -2.46 17.49
CA ASN A 197 -42.00 -2.60 18.72
C ASN A 197 -43.51 -2.63 18.48
N HIS A 198 -43.98 -2.46 17.25
CA HIS A 198 -45.40 -2.68 16.96
C HIS A 198 -45.69 -4.17 17.17
N PRO A 199 -46.82 -4.50 17.79
CA PRO A 199 -47.00 -5.88 18.28
C PRO A 199 -47.22 -6.92 17.19
N PHE A 200 -47.93 -6.59 16.12
CA PHE A 200 -47.96 -7.50 14.97
C PHE A 200 -46.55 -7.77 14.44
N ILE A 201 -45.66 -6.77 14.49
CA ILE A 201 -44.33 -6.92 13.90
C ILE A 201 -43.45 -7.82 14.76
N TYR A 202 -43.42 -7.60 16.06
CA TYR A 202 -42.44 -8.29 16.89
C TYR A 202 -42.71 -9.80 16.95
N ASN A 203 -43.95 -10.22 17.20
CA ASN A 203 -44.20 -11.65 17.27
C ASN A 203 -43.92 -12.31 15.93
N GLN A 204 -44.04 -11.54 14.84
CA GLN A 204 -43.61 -12.04 13.54
C GLN A 204 -42.10 -12.17 13.46
N LEU A 205 -41.36 -11.20 14.02
CA LEU A 205 -39.92 -11.32 14.12
C LEU A 205 -39.51 -12.56 14.88
N LYS A 206 -40.29 -12.94 15.90
CA LYS A 206 -39.89 -14.08 16.71
C LYS A 206 -40.02 -15.39 15.96
N THR A 207 -40.67 -15.40 14.79
CA THR A 207 -40.81 -16.60 13.97
C THR A 207 -39.69 -16.76 12.94
N ILE A 208 -38.81 -15.77 12.77
CA ILE A 208 -37.71 -15.87 11.81
C ILE A 208 -36.35 -15.69 12.45
N LEU A 209 -36.26 -15.24 13.69
CA LEU A 209 -35.01 -14.86 14.34
C LEU A 209 -35.00 -15.43 15.75
N SER A 210 -33.82 -15.81 16.22
CA SER A 210 -33.66 -16.33 17.56
C SER A 210 -33.79 -15.23 18.61
N PRO A 211 -34.12 -15.61 19.84
CA PRO A 211 -34.07 -14.62 20.94
C PRO A 211 -32.74 -13.93 21.07
N GLU A 212 -31.63 -14.64 20.87
CA GLU A 212 -30.31 -14.00 20.90
C GLU A 212 -30.23 -12.86 19.89
N ALA A 213 -30.77 -13.05 18.69
CA ALA A 213 -30.75 -12.00 17.68
C ALA A 213 -31.64 -10.82 18.07
N LEU A 214 -32.68 -11.09 18.84
CA LEU A 214 -33.61 -10.03 19.20
C LEU A 214 -33.19 -9.30 20.47
N LYS A 215 -32.30 -9.87 21.26
CA LYS A 215 -31.97 -9.28 22.55
C LYS A 215 -31.50 -7.83 22.49
N PRO A 216 -30.74 -7.39 21.47
CA PRO A 216 -30.27 -5.99 21.46
C PRO A 216 -31.29 -4.95 20.99
N LEU A 217 -32.49 -5.33 20.56
CA LEU A 217 -33.40 -4.35 19.99
C LEU A 217 -33.73 -3.15 20.90
N PRO A 218 -33.89 -3.30 22.21
CA PRO A 218 -34.13 -2.10 23.04
C PRO A 218 -33.02 -1.03 22.93
N LEU A 219 -31.81 -1.40 22.51
CA LEU A 219 -30.72 -0.44 22.37
C LEU A 219 -30.78 0.35 21.07
N CYS A 220 -31.60 -0.08 20.11
CA CYS A 220 -31.51 0.39 18.73
C CYS A 220 -32.67 1.28 18.35
N ASN A 221 -32.44 2.14 17.36
CA ASN A 221 -33.56 2.83 16.72
C ASN A 221 -33.77 2.37 15.29
N LEU A 222 -32.94 1.46 14.79
CA LEU A 222 -33.09 0.89 13.44
C LEU A 222 -32.48 -0.50 13.42
N PHE A 223 -33.13 -1.44 12.72
CA PHE A 223 -32.63 -2.81 12.57
C PHE A 223 -32.82 -3.25 11.13
N GLY A 224 -31.83 -3.96 10.58
CA GLY A 224 -31.99 -4.44 9.23
C GLY A 224 -31.22 -5.70 8.94
N ILE A 225 -31.44 -6.24 7.74
CA ILE A 225 -30.81 -7.50 7.32
C ILE A 225 -30.25 -7.31 5.92
N GLY A 226 -28.98 -7.69 5.74
CA GLY A 226 -28.40 -7.62 4.42
C GLY A 226 -28.57 -8.88 3.61
N LEU A 227 -29.14 -8.75 2.41
CA LEU A 227 -29.41 -9.87 1.51
C LEU A 227 -28.59 -9.69 0.25
N SER A 228 -27.73 -10.65 -0.07
CA SER A 228 -26.88 -10.47 -1.26
C SER A 228 -26.44 -11.83 -1.76
N PRO A 229 -26.39 -12.06 -3.07
CA PRO A 229 -25.77 -13.29 -3.57
C PRO A 229 -24.33 -13.49 -3.06
N ALA A 230 -23.62 -12.43 -2.70
CA ALA A 230 -22.24 -12.58 -2.27
C ALA A 230 -22.08 -13.03 -0.79
N ASN A 231 -23.14 -12.96 0.02
CA ASN A 231 -23.07 -13.28 1.45
C ASN A 231 -23.14 -14.81 1.64
N GLU A 232 -22.37 -15.33 2.58
CA GLU A 232 -22.49 -16.74 2.93
CA GLU A 232 -22.47 -16.73 2.94
C GLU A 232 -23.70 -17.00 3.82
N ALA A 233 -24.18 -15.97 4.52
CA ALA A 233 -25.44 -16.00 5.27
C ALA A 233 -25.93 -14.56 5.39
N ASN A 234 -27.24 -14.39 5.61
CA ASN A 234 -27.79 -13.06 5.86
C ASN A 234 -27.04 -12.33 6.97
N VAL A 235 -26.85 -11.03 6.81
CA VAL A 235 -26.13 -10.21 7.79
C VAL A 235 -27.12 -9.38 8.62
N LEU A 236 -27.01 -9.45 9.95
CA LEU A 236 -27.88 -8.64 10.80
C LEU A 236 -27.23 -7.28 11.05
N TYR A 237 -28.03 -6.20 10.97
CA TYR A 237 -27.54 -4.83 11.19
C TYR A 237 -28.29 -4.18 12.35
N TYR A 238 -27.54 -3.66 13.34
CA TYR A 238 -28.10 -2.97 14.52
C TYR A 238 -27.58 -1.54 14.59
N HIS A 239 -28.49 -0.58 14.67
CA HIS A 239 -28.11 0.82 14.79
C HIS A 239 -28.33 1.28 16.25
N LEU A 240 -27.26 1.27 17.04
CA LEU A 240 -27.41 1.60 18.47
C LEU A 240 -27.62 3.09 18.67
N GLU A 241 -28.47 3.43 19.63
CA GLU A 241 -28.63 4.85 19.98
C GLU A 241 -27.44 5.40 20.75
N ASN A 242 -26.75 4.56 21.53
CA ASN A 242 -25.70 5.05 22.42
C ASN A 242 -24.50 4.10 22.40
N ILE A 243 -23.38 4.58 21.84
CA ILE A 243 -22.12 3.84 21.79
C ILE A 243 -21.70 3.30 23.16
N GLU A 244 -22.03 4.01 24.24
CA GLU A 244 -21.65 3.50 25.56
C GLU A 244 -22.45 2.26 25.99
N ASP A 245 -23.55 1.88 25.32
CA ASP A 245 -24.27 0.65 25.68
C ASP A 245 -23.69 -0.59 25.01
N PHE A 246 -22.78 -0.42 24.06
CA PHE A 246 -22.45 -1.52 23.18
C PHE A 246 -21.88 -2.73 23.92
N LEU A 247 -20.84 -2.51 24.75
CA LEU A 247 -20.13 -3.67 25.30
C LEU A 247 -20.98 -4.50 26.26
N SER A 248 -22.02 -3.93 26.86
CA SER A 248 -22.90 -4.69 27.75
C SER A 248 -23.66 -5.79 27.02
N TYR A 249 -23.87 -5.65 25.73
CA TYR A 249 -24.72 -6.55 24.99
C TYR A 249 -24.01 -7.31 23.89
N PHE A 250 -22.79 -6.91 23.51
CA PHE A 250 -22.05 -7.55 22.43
C PHE A 250 -20.67 -8.00 22.91
N PRO A 251 -20.49 -9.28 23.27
CA PRO A 251 -19.19 -9.71 23.84
C PRO A 251 -18.11 -9.93 22.78
N ILE A 252 -17.54 -8.83 22.27
CA ILE A 252 -16.60 -8.91 21.15
C ILE A 252 -15.20 -9.31 21.63
N ASN A 253 -14.36 -9.78 20.70
CA ASN A 253 -13.02 -10.24 21.04
C ASN A 253 -12.05 -9.05 21.17
N ASP A 254 -10.80 -9.32 21.52
CA ASP A 254 -9.85 -8.25 21.80
C ASP A 254 -9.51 -7.46 20.55
N THR A 255 -9.47 -8.10 19.38
CA THR A 255 -9.20 -7.35 18.14
C THR A 255 -10.31 -6.34 17.85
N ALA A 256 -11.57 -6.74 18.01
CA ALA A 256 -12.66 -5.78 17.81
C ALA A 256 -12.66 -4.70 18.89
N ARG A 257 -12.28 -5.08 20.11
CA ARG A 257 -12.27 -4.14 21.23
C ARG A 257 -11.30 -2.99 20.99
N ARG A 258 -10.20 -3.23 20.27
CA ARG A 258 -9.27 -2.12 19.99
C ARG A 258 -9.93 -1.05 19.13
N VAL A 259 -10.75 -1.46 18.16
CA VAL A 259 -11.45 -0.48 17.33
C VAL A 259 -12.48 0.28 18.15
N HIS A 260 -13.29 -0.46 18.94
CA HIS A 260 -14.37 0.18 19.69
C HIS A 260 -13.80 1.12 20.74
N ASP A 261 -12.75 0.68 21.46
CA ASP A 261 -12.16 1.51 22.51
C ASP A 261 -11.61 2.82 21.94
N PHE A 262 -11.07 2.80 20.72
CA PHE A 262 -10.62 4.05 20.07
C PHE A 262 -11.80 4.99 19.85
N TYR A 263 -12.90 4.46 19.25
CA TYR A 263 -14.00 5.36 18.88
C TYR A 263 -14.85 5.77 20.08
N LEU A 264 -14.70 5.11 21.24
CA LEU A 264 -15.36 5.58 22.46
C LEU A 264 -14.82 6.94 22.88
N GLN A 265 -13.64 7.33 22.38
CA GLN A 265 -13.02 8.59 22.76
C GLN A 265 -12.77 9.54 21.57
N GLN A 266 -13.35 9.28 20.39
CA GLN A 266 -13.23 10.22 19.27
C GLN A 266 -14.47 11.10 19.20
N GLU A 267 -14.28 12.39 18.88
CA GLU A 267 -15.47 13.22 18.70
C GLU A 267 -16.24 12.76 17.45
N GLY A 268 -17.55 12.88 17.51
CA GLY A 268 -18.39 12.50 16.39
C GLY A 268 -19.75 12.10 16.91
N SER A 269 -20.42 11.26 16.15
CA SER A 269 -21.73 10.78 16.55
CA SER A 269 -21.74 10.81 16.57
C SER A 269 -21.62 9.90 17.79
N ARG A 270 -22.69 9.88 18.60
CA ARG A 270 -22.78 8.93 19.70
C ARG A 270 -23.49 7.65 19.28
N ARG A 271 -23.91 7.57 18.02
CA ARG A 271 -24.49 6.34 17.48
C ARG A 271 -23.40 5.47 16.83
N MET A 272 -23.77 4.26 16.40
CA MET A 272 -22.81 3.27 15.94
C MET A 272 -23.61 2.17 15.22
N TRP A 273 -23.01 1.52 14.24
CA TRP A 273 -23.62 0.33 13.65
C TRP A 273 -22.76 -0.86 14.06
N VAL A 274 -23.40 -2.01 14.27
CA VAL A 274 -22.66 -3.27 14.31
C VAL A 274 -23.34 -4.23 13.34
N ALA A 275 -22.55 -5.04 12.64
CA ALA A 275 -23.08 -6.00 11.67
C ALA A 275 -22.43 -7.37 11.87
N LEU A 276 -23.24 -8.43 11.83
CA LEU A 276 -22.71 -9.78 12.06
C LEU A 276 -23.79 -10.81 11.69
N SER A 277 -23.37 -12.06 11.55
CA SER A 277 -24.30 -13.13 11.21
C SER A 277 -25.06 -13.57 12.47
N GLU A 278 -26.20 -14.24 12.24
CA GLU A 278 -26.99 -14.71 13.36
C GLU A 278 -26.21 -15.73 14.19
N SER A 279 -25.40 -16.56 13.52
CA SER A 279 -24.58 -17.55 14.21
C SER A 279 -23.65 -16.90 15.27
N GLU A 280 -23.12 -15.70 14.96
CA GLU A 280 -22.28 -14.97 15.89
C GLU A 280 -23.05 -14.46 17.10
N MET A 281 -24.31 -14.06 16.90
CA MET A 281 -25.16 -13.65 18.03
C MET A 281 -25.46 -14.81 18.97
N LYS A 282 -25.45 -16.04 18.49
CA LYS A 282 -25.70 -17.18 19.38
C LYS A 282 -24.43 -17.68 20.06
N ALA A 283 -23.27 -17.18 19.66
CA ALA A 283 -22.03 -17.67 20.23
C ALA A 283 -21.76 -17.00 21.56
N GLY A 284 -20.90 -17.64 22.36
CA GLY A 284 -20.47 -17.04 23.61
C GLY A 284 -19.65 -15.77 23.40
N ARG A 285 -18.84 -15.74 22.36
CA ARG A 285 -17.96 -14.61 22.12
C ARG A 285 -17.98 -14.30 20.62
N ILE A 286 -18.01 -13.01 20.26
CA ILE A 286 -18.10 -12.58 18.87
C ILE A 286 -16.70 -12.42 18.28
N ASN A 287 -16.41 -13.23 17.26
CA ASN A 287 -15.12 -13.21 16.61
C ASN A 287 -15.16 -12.68 15.18
N ASN A 288 -16.34 -12.45 14.61
CA ASN A 288 -16.49 -12.01 13.22
C ASN A 288 -17.55 -10.94 13.19
N VAL A 289 -17.13 -9.67 12.97
CA VAL A 289 -18.03 -8.54 13.21
C VAL A 289 -17.48 -7.34 12.46
N ASN A 290 -18.38 -6.50 11.95
CA ASN A 290 -18.04 -5.18 11.44
C ASN A 290 -18.54 -4.11 12.42
N LEU A 291 -17.74 -3.05 12.65
CA LEU A 291 -18.08 -1.92 13.52
C LEU A 291 -17.98 -0.60 12.74
N TYR A 292 -18.99 0.29 12.87
CA TYR A 292 -19.04 1.55 12.08
C TYR A 292 -19.30 2.76 12.98
N TYR A 293 -18.54 3.83 12.77
CA TYR A 293 -18.59 5.06 13.55
C TYR A 293 -18.49 6.23 12.58
N SER A 294 -18.98 7.39 13.00
CA SER A 294 -19.10 8.46 12.02
C SER A 294 -19.01 9.82 12.66
N LYS A 295 -18.80 10.83 11.80
CA LYS A 295 -18.76 12.23 12.20
C LYS A 295 -19.41 13.06 11.11
N ALA A 296 -20.17 14.09 11.50
CA ALA A 296 -20.90 14.91 10.53
C ALA A 296 -20.11 16.17 10.20
N PHE A 297 -20.22 16.62 8.94
CA PHE A 297 -19.55 17.85 8.49
C PHE A 297 -20.61 18.73 7.83
N THR A 298 -21.11 19.71 8.56
CA THR A 298 -22.21 20.53 8.11
C THR A 298 -21.80 21.98 8.20
N SER A 299 -21.92 22.73 7.10
CA SER A 299 -21.61 24.17 7.18
C SER A 299 -22.59 24.89 8.10
N GLN A 300 -22.09 25.87 8.85
CA GLN A 300 -22.94 26.58 9.80
C GLN A 300 -23.48 27.88 9.26
N ASN A 301 -22.96 28.37 8.13
CA ASN A 301 -23.45 29.61 7.53
C ASN A 301 -24.86 29.39 7.01
N PRO A 302 -25.85 30.18 7.44
CA PRO A 302 -27.22 30.09 6.95
C PRO A 302 -27.41 30.87 5.64
N SER B 7 15.94 33.32 -6.34
CA SER B 7 17.36 33.64 -6.56
C SER B 7 18.29 32.48 -6.21
N LYS B 8 19.26 32.25 -7.10
CA LYS B 8 20.20 31.14 -7.01
C LYS B 8 21.62 31.61 -7.31
N VAL B 9 22.61 30.74 -7.02
CA VAL B 9 24.01 31.10 -7.01
CA VAL B 9 24.01 31.12 -7.03
C VAL B 9 24.78 30.46 -8.17
N PHE B 10 24.65 29.16 -8.34
CA PHE B 10 25.49 28.42 -9.28
C PHE B 10 24.76 28.14 -10.60
N LYS B 11 25.26 28.73 -11.70
CA LYS B 11 24.72 28.44 -13.02
CA LYS B 11 24.72 28.44 -13.02
C LYS B 11 24.73 26.95 -13.32
N SER B 12 25.70 26.21 -12.79
CA SER B 12 25.86 24.81 -13.11
C SER B 12 24.98 23.85 -12.31
N THR B 13 24.15 24.30 -11.37
CA THR B 13 23.40 23.31 -10.58
C THR B 13 22.39 22.62 -11.49
N ILE B 14 22.37 21.29 -11.41
CA ILE B 14 21.47 20.47 -12.21
C ILE B 14 20.07 20.72 -11.71
N ALA B 15 19.19 21.19 -12.58
CA ALA B 15 17.79 21.30 -12.22
C ALA B 15 17.27 19.91 -11.85
N PRO B 16 16.36 19.81 -10.88
CA PRO B 16 15.88 18.49 -10.47
C PRO B 16 14.87 17.84 -11.44
N GLU B 17 14.35 18.57 -12.45
CA GLU B 17 13.20 18.10 -13.22
C GLU B 17 13.43 16.73 -13.87
N GLU B 18 14.58 16.53 -14.52
CA GLU B 18 14.86 15.23 -15.17
C GLU B 18 15.08 14.09 -14.20
N LYS B 19 15.81 14.31 -13.11
CA LYS B 19 15.91 13.30 -12.05
C LYS B 19 14.53 12.83 -11.64
N LEU B 20 13.62 13.77 -11.33
CA LEU B 20 12.32 13.38 -10.83
C LEU B 20 11.45 12.77 -11.92
N ARG B 21 11.69 13.12 -13.17
CA ARG B 21 10.91 12.49 -14.25
C ARG B 21 11.34 11.04 -14.47
N TYR B 22 12.64 10.75 -14.34
CA TYR B 22 13.13 9.36 -14.43
C TYR B 22 12.52 8.49 -13.33
N ILE B 23 12.46 9.02 -12.10
CA ILE B 23 11.82 8.27 -11.02
C ILE B 23 10.31 8.17 -11.27
N GLY B 24 9.69 9.25 -11.77
CA GLY B 24 8.25 9.24 -12.06
C GLY B 24 7.87 8.27 -13.16
N ASN B 25 8.76 8.06 -14.13
CA ASN B 25 8.51 7.04 -15.16
C ASN B 25 8.44 5.65 -14.53
N HIS B 26 9.33 5.37 -13.58
CA HIS B 26 9.35 4.10 -12.86
C HIS B 26 8.09 3.95 -12.02
N LYS B 27 7.68 5.00 -11.29
CA LYS B 27 6.42 4.91 -10.52
C LYS B 27 5.22 4.65 -11.44
N GLN B 28 5.15 5.37 -12.55
CA GLN B 28 4.01 5.19 -13.45
C GLN B 28 3.96 3.78 -14.01
N ALA B 29 5.09 3.29 -14.48
CA ALA B 29 5.12 2.02 -15.19
C ALA B 29 4.73 0.86 -14.30
N PHE B 30 5.06 0.93 -13.02
CA PHE B 30 4.78 -0.19 -12.12
C PHE B 30 3.77 0.18 -11.03
N ASP B 31 2.96 1.22 -11.26
CA ASP B 31 1.80 1.52 -10.38
C ASP B 31 2.20 1.63 -8.91
N ILE B 32 3.27 2.35 -8.64
CA ILE B 32 3.79 2.47 -7.27
C ILE B 32 2.99 3.51 -6.49
N GLU B 33 2.49 3.12 -5.33
CA GLU B 33 1.80 4.00 -4.40
C GLU B 33 2.80 4.91 -3.66
N PRO B 34 2.31 5.99 -3.00
CA PRO B 34 3.21 6.89 -2.25
C PRO B 34 3.62 6.30 -0.90
N LEU B 35 4.31 5.16 -0.94
CA LEU B 35 4.75 4.50 0.29
C LEU B 35 5.76 5.37 1.03
N TYR B 36 5.83 5.20 2.34
CA TYR B 36 6.72 6.05 3.12
C TYR B 36 8.12 5.44 3.12
N PRO B 37 9.20 6.23 2.95
CA PRO B 37 9.23 7.69 2.77
C PRO B 37 9.62 8.09 1.32
N LEU B 38 8.86 7.59 0.33
CA LEU B 38 9.19 7.91 -1.06
C LEU B 38 9.18 9.42 -1.35
N ALA B 39 8.21 10.17 -0.85
CA ALA B 39 8.18 11.61 -1.13
C ALA B 39 9.40 12.32 -0.51
N LEU B 40 9.83 11.91 0.70
CA LEU B 40 11.02 12.53 1.30
C LEU B 40 12.26 12.16 0.51
N PHE B 41 12.31 10.94 -0.05
CA PHE B 41 13.49 10.55 -0.82
C PHE B 41 13.58 11.38 -2.11
N GLU B 42 12.45 11.61 -2.79
CA GLU B 42 12.46 12.45 -3.99
C GLU B 42 12.88 13.87 -3.66
N GLU B 43 12.50 14.37 -2.47
CA GLU B 43 12.95 15.71 -2.06
C GLU B 43 14.47 15.72 -1.89
N PHE B 44 15.00 14.66 -1.28
CA PHE B 44 16.44 14.51 -1.16
C PHE B 44 17.14 14.42 -2.52
N VAL B 45 16.59 13.64 -3.46
CA VAL B 45 17.21 13.51 -4.80
C VAL B 45 17.31 14.88 -5.47
N ALA B 46 16.28 15.71 -5.28
CA ALA B 46 16.26 16.97 -5.99
C ALA B 46 17.36 17.93 -5.52
N THR B 47 17.87 17.78 -4.30
CA THR B 47 18.92 18.66 -3.79
C THR B 47 20.34 18.20 -4.14
N THR B 48 20.51 17.06 -4.83
CA THR B 48 21.84 16.52 -5.11
C THR B 48 22.45 17.20 -6.33
N GLY B 49 23.76 17.02 -6.51
CA GLY B 49 24.48 17.51 -7.68
C GLY B 49 24.62 16.40 -8.71
N ASP B 50 25.82 16.22 -9.28
CA ASP B 50 26.06 15.16 -10.26
C ASP B 50 25.82 13.78 -9.64
N CYS B 51 25.10 12.90 -10.37
CA CYS B 51 24.76 11.63 -9.75
C CYS B 51 24.32 10.62 -10.82
N ILE B 52 24.20 9.36 -10.38
CA ILE B 52 23.59 8.26 -11.15
C ILE B 52 22.35 7.85 -10.35
N ILE B 53 21.20 7.76 -11.00
CA ILE B 53 19.98 7.24 -10.35
C ILE B 53 19.75 5.84 -10.89
N GLU B 54 19.49 4.90 -9.99
CA GLU B 54 19.27 3.52 -10.35
C GLU B 54 17.87 3.09 -9.89
N CYS B 55 17.09 2.53 -10.80
CA CYS B 55 15.79 1.97 -10.44
C CYS B 55 15.86 0.47 -10.62
N SER B 56 15.16 -0.25 -9.74
CA SER B 56 15.30 -1.69 -9.68
C SER B 56 13.94 -2.39 -9.56
N GLY B 57 13.88 -3.64 -9.97
CA GLY B 57 12.79 -4.52 -9.60
C GLY B 57 13.34 -5.78 -8.97
N LYS B 58 12.70 -6.22 -7.88
CA LYS B 58 12.93 -7.53 -7.30
C LYS B 58 11.78 -8.46 -7.69
N ILE B 59 12.10 -9.62 -8.28
CA ILE B 59 11.09 -10.55 -8.76
C ILE B 59 11.19 -11.84 -7.95
N LYS B 60 10.04 -12.31 -7.45
CA LYS B 60 9.97 -13.55 -6.67
C LYS B 60 8.82 -14.37 -7.29
N GLN B 61 9.16 -15.37 -8.08
CA GLN B 61 8.26 -16.01 -9.05
C GLN B 61 7.38 -15.00 -9.79
N ASP B 62 6.11 -14.92 -9.43
CA ASP B 62 5.17 -14.05 -10.11
C ASP B 62 4.96 -12.73 -9.38
N GLN B 63 5.68 -12.48 -8.29
CA GLN B 63 5.53 -11.26 -7.50
C GLN B 63 6.63 -10.27 -7.85
N LEU B 64 6.27 -9.01 -8.06
CA LEU B 64 7.24 -7.97 -8.36
C LEU B 64 7.22 -6.92 -7.26
N TYR B 65 8.41 -6.55 -6.76
CA TYR B 65 8.56 -5.48 -5.78
C TYR B 65 9.35 -4.34 -6.42
N PRO B 66 8.69 -3.22 -6.84
CA PRO B 66 9.37 -2.24 -7.71
C PRO B 66 9.79 -0.95 -7.00
N ALA B 67 9.41 -0.79 -5.74
CA ALA B 67 9.66 0.46 -5.04
C ALA B 67 11.11 0.48 -4.53
N ARG B 68 12.06 0.39 -5.49
CA ARG B 68 13.49 0.22 -5.20
C ARG B 68 14.26 1.24 -6.02
N ILE B 69 14.89 2.22 -5.37
CA ILE B 69 15.61 3.30 -6.02
C ILE B 69 16.88 3.64 -5.23
N ASP B 70 18.00 3.82 -5.93
CA ASP B 70 19.18 4.30 -5.24
C ASP B 70 19.85 5.45 -6.00
N LEU B 71 20.61 6.24 -5.28
CA LEU B 71 21.26 7.40 -5.86
C LEU B 71 22.73 7.30 -5.53
N GLN B 72 23.59 7.33 -6.55
CA GLN B 72 25.03 7.22 -6.35
C GLN B 72 25.68 8.56 -6.67
N PHE B 73 26.39 9.14 -5.70
CA PHE B 73 26.98 10.46 -5.91
C PHE B 73 28.18 10.36 -6.86
N SER B 74 28.31 11.33 -7.77
CA SER B 74 29.35 11.27 -8.81
C SER B 74 30.54 12.21 -8.58
N ASP B 75 30.53 13.07 -7.57
CA ASP B 75 31.64 13.97 -7.33
C ASP B 75 32.44 13.48 -6.11
N LYS B 76 33.51 14.21 -5.75
CA LYS B 76 34.44 13.75 -4.72
C LYS B 76 34.22 14.42 -3.36
N HIS B 77 33.06 15.05 -3.15
CA HIS B 77 32.76 15.76 -1.89
C HIS B 77 32.16 14.78 -0.86
N HIS B 78 33.00 13.86 -0.42
CA HIS B 78 32.52 12.70 0.32
C HIS B 78 31.89 13.08 1.66
N PHE B 79 32.53 13.98 2.41
CA PHE B 79 31.96 14.44 3.68
C PHE B 79 30.57 15.05 3.46
N HIS B 80 30.46 15.96 2.51
CA HIS B 80 29.17 16.59 2.24
C HIS B 80 28.11 15.55 1.89
N ASN B 81 28.45 14.62 1.00
CA ASN B 81 27.46 13.64 0.53
C ASN B 81 27.09 12.66 1.64
N ILE B 82 28.03 12.27 2.50
CA ILE B 82 27.66 11.41 3.60
C ILE B 82 26.73 12.16 4.57
N HIS B 83 27.00 13.44 4.81
CA HIS B 83 26.13 14.20 5.73
C HIS B 83 24.74 14.41 5.17
N THR B 84 24.61 14.71 3.87
CA THR B 84 23.30 14.91 3.24
CA THR B 84 23.27 14.93 3.33
C THR B 84 22.46 13.63 3.33
N SER B 85 23.10 12.48 3.07
CA SER B 85 22.41 11.19 3.12
C SER B 85 21.93 10.87 4.54
N ILE B 86 22.79 11.06 5.54
CA ILE B 86 22.37 10.86 6.93
C ILE B 86 21.24 11.83 7.32
N ASP B 87 21.26 13.09 6.82
CA ASP B 87 20.14 13.98 7.09
C ASP B 87 18.83 13.40 6.57
N PHE B 88 18.86 12.76 5.41
CA PHE B 88 17.64 12.11 4.91
C PHE B 88 17.22 10.95 5.81
N LEU B 89 18.17 10.10 6.21
CA LEU B 89 17.84 9.03 7.15
C LEU B 89 17.16 9.58 8.41
N LYS B 90 17.68 10.69 8.96
CA LYS B 90 17.14 11.20 10.22
C LYS B 90 15.77 11.83 10.00
N ARG B 91 15.55 12.46 8.83
CA ARG B 91 14.23 13.02 8.51
C ARG B 91 13.19 11.91 8.36
N ALA B 92 13.56 10.79 7.73
CA ALA B 92 12.67 9.63 7.64
C ALA B 92 12.36 9.07 9.02
N ALA B 93 13.36 9.02 9.91
CA ALA B 93 13.20 8.49 11.25
C ALA B 93 12.28 9.33 12.10
N SER B 94 11.99 10.57 11.69
CA SER B 94 11.25 11.44 12.60
C SER B 94 9.76 11.12 12.70
N ARG B 95 9.20 10.27 11.84
CA ARG B 95 7.79 9.87 11.98
C ARG B 95 7.62 9.06 13.26
N THR B 96 6.57 9.33 14.03
CA THR B 96 6.52 8.78 15.39
C THR B 96 6.43 7.26 15.42
N ASP B 97 5.81 6.63 14.43
CA ASP B 97 5.74 5.17 14.44
C ASP B 97 6.84 4.50 13.61
N VAL B 98 7.85 5.24 13.15
CA VAL B 98 9.03 4.65 12.54
C VAL B 98 10.13 4.62 13.59
N ASN B 99 10.89 3.53 13.64
CA ASN B 99 12.08 3.43 14.47
C ASN B 99 13.25 3.04 13.58
N LEU B 100 14.23 3.92 13.44
CA LEU B 100 15.42 3.65 12.66
C LEU B 100 16.58 3.50 13.63
N ASN B 101 17.28 2.37 13.54
CA ASN B 101 18.40 2.09 14.44
C ASN B 101 19.69 2.32 13.67
N LEU B 102 20.31 3.48 13.89
CA LEU B 102 21.51 3.84 13.17
C LEU B 102 22.78 3.48 13.93
N ASP B 103 22.70 2.64 14.97
CA ASP B 103 23.86 2.45 15.87
C ASP B 103 25.06 1.81 15.15
N ILE B 104 24.80 0.84 14.27
CA ILE B 104 25.91 0.18 13.56
C ILE B 104 26.62 1.18 12.65
N LEU B 105 25.86 2.07 12.00
CA LEU B 105 26.48 3.14 11.22
C LEU B 105 27.27 4.10 12.12
N ALA B 106 26.71 4.44 13.29
CA ALA B 106 27.44 5.27 14.25
C ALA B 106 28.79 4.65 14.60
N THR B 107 28.80 3.35 14.91
CA THR B 107 30.06 2.66 15.22
C THR B 107 31.07 2.74 14.08
N PHE B 108 30.62 2.54 12.84
CA PHE B 108 31.56 2.57 11.71
C PHE B 108 32.14 3.97 11.49
N LEU B 109 31.35 5.01 11.67
CA LEU B 109 31.80 6.37 11.42
C LEU B 109 32.43 7.04 12.65
N ALA B 110 32.60 6.33 13.78
CA ALA B 110 33.02 7.02 15.00
C ALA B 110 34.45 7.57 14.88
N GLY B 111 34.75 8.57 15.71
CA GLY B 111 36.12 9.09 15.87
C GLY B 111 36.49 10.10 14.79
N ASN B 112 37.80 10.22 14.57
CA ASN B 112 38.30 11.12 13.53
C ASN B 112 38.33 10.38 12.18
N PHE B 113 37.14 10.15 11.64
CA PHE B 113 36.99 9.41 10.37
C PHE B 113 37.71 10.10 9.23
N ASP B 114 38.43 9.31 8.41
CA ASP B 114 39.26 9.87 7.33
C ASP B 114 38.45 9.87 6.03
N TYR B 115 37.74 10.97 5.76
CA TYR B 115 36.89 10.99 4.58
C TYR B 115 37.67 10.95 3.26
N SER B 116 38.97 11.21 3.27
CA SER B 116 39.71 11.09 2.02
C SER B 116 39.87 9.64 1.58
N LYS B 117 39.57 8.69 2.45
CA LYS B 117 39.67 7.29 2.06
C LYS B 117 38.39 6.76 1.42
N VAL B 118 37.30 7.55 1.45
CA VAL B 118 36.07 7.11 0.80
C VAL B 118 36.25 7.15 -0.71
N GLN B 119 35.69 6.16 -1.39
CA GLN B 119 35.73 6.03 -2.85
C GLN B 119 34.36 6.19 -3.52
N ASN B 120 33.27 5.85 -2.85
CA ASN B 120 31.94 5.87 -3.44
C ASN B 120 30.90 5.87 -2.35
N ILE B 121 29.77 6.53 -2.61
CA ILE B 121 28.67 6.59 -1.65
C ILE B 121 27.36 6.39 -2.40
N LEU B 122 26.45 5.59 -1.83
CA LEU B 122 25.12 5.48 -2.41
C LEU B 122 24.08 5.45 -1.31
N ALA B 123 22.90 6.06 -1.56
CA ALA B 123 21.77 6.11 -0.64
C ALA B 123 20.54 5.63 -1.39
N GLY B 124 19.67 4.84 -0.74
CA GLY B 124 18.54 4.32 -1.46
C GLY B 124 17.43 3.82 -0.57
N ILE B 125 16.38 3.30 -1.22
CA ILE B 125 15.16 2.84 -0.53
C ILE B 125 14.76 1.49 -1.14
N ASP B 126 14.13 0.64 -0.32
CA ASP B 126 13.48 -0.60 -0.80
C ASP B 126 12.20 -0.76 0.03
N LEU B 127 11.07 -0.29 -0.50
CA LEU B 127 9.84 -0.13 0.26
C LEU B 127 8.84 -1.25 -0.02
N ARG B 128 8.00 -1.54 0.97
CA ARG B 128 7.04 -2.61 0.89
C ARG B 128 5.70 -2.12 1.42
N GLN B 129 4.65 -2.93 1.24
CA GLN B 129 3.34 -2.49 1.72
C GLN B 129 3.30 -2.41 3.23
N ASN B 130 3.95 -3.35 3.94
CA ASN B 130 4.00 -3.29 5.39
C ASN B 130 5.16 -2.37 5.82
N LEU B 131 4.87 -1.40 6.69
CA LEU B 131 5.87 -0.38 7.04
C LEU B 131 7.16 -1.03 7.58
N GLY B 132 7.02 -1.97 8.52
CA GLY B 132 8.17 -2.61 9.17
C GLY B 132 9.04 -3.47 8.24
N GLU B 133 8.52 -3.89 7.10
CA GLU B 133 9.29 -4.62 6.09
C GLU B 133 10.02 -3.73 5.10
N SER B 134 9.74 -2.42 5.09
CA SER B 134 10.47 -1.47 4.28
C SER B 134 11.83 -1.16 4.86
N LYS B 135 12.80 -0.84 3.99
CA LYS B 135 14.12 -0.48 4.51
C LYS B 135 14.76 0.65 3.70
N LEU B 136 15.69 1.34 4.36
CA LEU B 136 16.54 2.32 3.71
C LEU B 136 17.96 1.76 3.68
N LYS B 137 18.77 2.29 2.76
CA LYS B 137 20.06 1.69 2.45
C LYS B 137 21.10 2.78 2.36
N LEU B 138 22.30 2.49 2.88
CA LEU B 138 23.48 3.36 2.67
C LEU B 138 24.66 2.44 2.37
N PHE B 139 25.35 2.66 1.24
CA PHE B 139 26.56 1.92 0.87
C PHE B 139 27.76 2.85 0.80
N ILE B 140 28.91 2.37 1.33
CA ILE B 140 30.12 3.19 1.36
C ILE B 140 31.25 2.27 0.96
N ARG B 141 32.00 2.65 -0.07
CA ARG B 141 33.21 1.94 -0.45
C ARG B 141 34.40 2.71 0.07
N ILE B 142 35.32 2.02 0.74
CA ILE B 142 36.53 2.65 1.22
C ILE B 142 37.74 1.93 0.65
N GLY B 143 38.88 2.61 0.69
CA GLY B 143 40.09 2.00 0.18
C GLY B 143 41.29 2.35 0.99
N ASP B 144 42.13 1.35 1.22
CA ASP B 144 43.39 1.42 1.97
C ASP B 144 43.22 2.17 3.29
N TYR B 145 42.44 1.57 4.18
CA TYR B 145 42.03 2.18 5.45
C TYR B 145 41.95 1.11 6.52
N PRO B 146 43.11 0.64 7.02
CA PRO B 146 43.11 -0.55 7.89
C PRO B 146 42.22 -0.47 9.11
N ALA B 147 42.26 0.62 9.88
CA ALA B 147 41.45 0.69 11.09
C ALA B 147 39.96 0.53 10.79
N LYS B 148 39.44 1.25 9.81
CA LYS B 148 38.00 1.15 9.58
C LYS B 148 37.59 -0.11 8.83
N MET B 149 38.52 -0.75 8.11
CA MET B 149 38.24 -2.08 7.56
C MET B 149 38.13 -3.13 8.67
N ALA B 150 39.00 -3.06 9.69
CA ALA B 150 38.85 -3.98 10.81
C ALA B 150 37.52 -3.79 11.53
N VAL B 151 37.09 -2.54 11.67
CA VAL B 151 35.83 -2.26 12.34
C VAL B 151 34.67 -2.87 11.56
N ALA B 152 34.66 -2.66 10.24
CA ALA B 152 33.60 -3.24 9.41
C ALA B 152 33.59 -4.77 9.51
N LYS B 153 34.76 -5.41 9.53
CA LYS B 153 34.81 -6.86 9.63
C LYS B 153 34.31 -7.34 10.99
N HIS B 154 34.68 -6.63 12.05
CA HIS B 154 34.22 -7.03 13.38
C HIS B 154 32.71 -6.81 13.51
N LEU B 155 32.18 -5.81 12.83
CA LEU B 155 30.73 -5.60 12.86
C LEU B 155 30.00 -6.69 12.07
N CYS B 156 30.59 -7.18 10.98
CA CYS B 156 29.96 -8.17 10.11
CA CYS B 156 29.94 -8.18 10.14
C CYS B 156 30.10 -9.59 10.67
N ASN B 157 30.78 -9.75 11.81
CA ASN B 157 30.97 -11.06 12.44
C ASN B 157 31.77 -12.02 11.55
N ILE B 158 32.73 -11.49 10.79
CA ILE B 158 33.42 -12.26 9.76
C ILE B 158 34.37 -13.26 10.39
N THR B 159 34.29 -14.54 9.93
CA THR B 159 35.20 -15.63 10.31
C THR B 159 36.38 -15.71 9.35
N PRO B 160 37.50 -16.28 9.80
CA PRO B 160 38.70 -16.35 8.93
C PRO B 160 38.44 -16.88 7.52
N GLU B 161 37.47 -17.78 7.32
CA GLU B 161 37.22 -18.25 5.97
C GLU B 161 36.68 -17.14 5.09
N SER B 162 35.74 -16.34 5.62
CA SER B 162 35.15 -15.29 4.82
C SER B 162 36.20 -14.25 4.43
N GLU B 163 37.26 -14.12 5.24
CA GLU B 163 38.27 -13.10 4.98
C GLU B 163 39.08 -13.41 3.72
N ALA B 164 39.27 -14.69 3.40
CA ALA B 164 39.84 -15.10 2.12
C ALA B 164 39.15 -14.47 0.92
N MET B 165 37.97 -13.91 1.07
CA MET B 165 37.26 -13.27 -0.02
C MET B 165 37.49 -11.77 -0.08
N LEU B 166 38.17 -11.21 0.92
CA LEU B 166 38.26 -9.77 1.09
C LEU B 166 39.66 -9.28 0.73
N ARG B 167 39.71 -8.04 0.26
CA ARG B 167 40.93 -7.41 -0.21
C ARG B 167 41.28 -6.25 0.71
N SER B 168 42.58 -6.03 0.90
CA SER B 168 43.04 -4.96 1.76
C SER B 168 43.11 -3.61 1.04
N ASP B 169 42.80 -3.56 -0.25
CA ASP B 169 42.88 -2.30 -0.96
C ASP B 169 41.54 -1.61 -1.11
N THR B 170 40.44 -2.34 -0.93
CA THR B 170 39.11 -1.80 -1.12
C THR B 170 38.12 -2.64 -0.32
N LEU B 171 37.01 -2.03 0.05
CA LEU B 171 35.98 -2.77 0.75
C LEU B 171 34.67 -2.03 0.61
N HIS B 172 33.63 -2.75 0.24
CA HIS B 172 32.34 -2.19 -0.13
C HIS B 172 31.40 -2.63 0.97
N ILE B 173 30.92 -1.66 1.76
CA ILE B 173 30.12 -1.92 2.95
C ILE B 173 28.71 -1.44 2.70
N GLY B 174 27.72 -2.31 2.94
CA GLY B 174 26.34 -1.91 2.80
C GLY B 174 25.61 -1.94 4.13
N PHE B 175 24.88 -0.88 4.45
CA PHE B 175 24.05 -0.82 5.66
C PHE B 175 22.56 -0.86 5.28
N ASP B 176 21.76 -1.70 5.96
CA ASP B 176 20.31 -1.76 5.81
C ASP B 176 19.63 -1.32 7.10
N PHE B 177 18.58 -0.50 7.01
CA PHE B 177 17.85 0.07 8.17
C PHE B 177 16.36 -0.13 7.94
N TYR B 178 15.79 -1.17 8.57
CA TYR B 178 14.38 -1.46 8.47
C TYR B 178 13.59 -0.47 9.33
N LEU B 179 12.38 -0.14 8.87
CA LEU B 179 11.59 0.87 9.55
C LEU B 179 11.01 0.40 10.88
N ASP B 180 11.20 -0.87 11.25
CA ASP B 180 10.79 -1.33 12.58
C ASP B 180 11.98 -1.48 13.52
N GLY B 181 13.17 -0.98 13.14
CA GLY B 181 14.28 -0.98 14.06
C GLY B 181 15.32 -2.07 13.85
N ARG B 182 15.08 -3.04 12.97
CA ARG B 182 16.11 -4.00 12.62
C ARG B 182 17.12 -3.33 11.72
N SER B 183 18.40 -3.71 11.87
CA SER B 183 19.46 -3.17 11.03
C SER B 183 20.47 -4.26 10.73
N ALA B 184 21.16 -4.12 9.61
CA ALA B 184 22.19 -5.09 9.26
C ALA B 184 23.33 -4.39 8.56
N ILE B 185 24.48 -5.04 8.56
CA ILE B 185 25.64 -4.61 7.77
C ILE B 185 26.11 -5.82 7.00
N GLU B 186 26.66 -5.59 5.80
CA GLU B 186 27.05 -6.63 4.88
C GLU B 186 28.27 -6.18 4.06
N LEU B 187 29.22 -7.10 3.86
CA LEU B 187 30.38 -6.86 3.00
C LEU B 187 30.15 -7.48 1.62
N TYR B 188 30.65 -6.82 0.57
CA TYR B 188 30.43 -7.22 -0.81
C TYR B 188 31.77 -7.36 -1.52
N PRO B 189 32.42 -8.52 -1.41
CA PRO B 189 33.69 -8.75 -2.15
C PRO B 189 33.44 -8.63 -3.64
N GLU B 190 34.45 -8.16 -4.36
CA GLU B 190 34.25 -7.95 -5.78
C GLU B 190 35.59 -8.07 -6.51
N LEU B 191 35.49 -8.37 -7.81
CA LEU B 191 36.60 -8.44 -8.75
C LEU B 191 36.25 -7.63 -10.01
N LYS B 192 37.22 -6.87 -10.49
CA LYS B 192 37.13 -6.13 -11.73
C LYS B 192 37.50 -7.01 -12.92
N LYS B 193 37.15 -6.53 -14.12
CA LYS B 193 37.28 -7.34 -15.32
C LYS B 193 38.72 -7.81 -15.55
N ASP B 194 39.70 -6.95 -15.28
CA ASP B 194 41.05 -7.46 -15.44
C ASP B 194 41.48 -8.26 -14.22
N GLU B 195 40.90 -7.98 -13.04
CA GLU B 195 41.15 -8.80 -11.85
C GLU B 195 40.62 -10.22 -12.06
N PHE B 196 39.31 -10.36 -12.28
CA PHE B 196 38.78 -11.71 -12.54
C PHE B 196 39.22 -12.27 -13.88
N ASN B 197 40.05 -11.55 -14.64
CA ASN B 197 40.70 -12.14 -15.79
C ASN B 197 42.20 -12.31 -15.60
N HIS B 198 42.75 -11.83 -14.48
CA HIS B 198 44.13 -12.15 -14.13
C HIS B 198 44.25 -13.67 -13.99
N PRO B 199 45.30 -14.28 -14.57
CA PRO B 199 45.32 -15.74 -14.65
C PRO B 199 45.28 -16.50 -13.32
N PHE B 200 45.86 -15.95 -12.24
CA PHE B 200 45.75 -16.61 -10.93
C PHE B 200 44.35 -16.49 -10.36
N ILE B 201 43.73 -15.32 -10.50
CA ILE B 201 42.38 -15.12 -9.99
C ILE B 201 41.37 -16.03 -10.69
N TYR B 202 41.50 -16.23 -12.00
CA TYR B 202 40.46 -16.94 -12.75
C TYR B 202 40.42 -18.43 -12.40
N ASN B 203 41.56 -19.10 -12.30
CA ASN B 203 41.42 -20.53 -12.09
C ASN B 203 41.11 -20.86 -10.63
N GLN B 204 41.51 -20.01 -9.68
CA GLN B 204 40.90 -20.07 -8.35
C GLN B 204 39.39 -19.85 -8.40
N LEU B 205 38.91 -19.02 -9.35
CA LEU B 205 37.47 -18.85 -9.50
C LEU B 205 36.83 -20.12 -10.03
N LYS B 206 37.57 -20.92 -10.78
CA LYS B 206 37.02 -22.13 -11.36
C LYS B 206 36.89 -23.24 -10.32
N THR B 207 37.49 -23.08 -9.15
CA THR B 207 37.42 -24.15 -8.16
C THR B 207 36.21 -23.99 -7.26
N ILE B 208 35.83 -22.75 -6.95
CA ILE B 208 34.82 -22.49 -5.94
C ILE B 208 33.48 -22.15 -6.54
N LEU B 209 33.36 -22.21 -7.86
CA LEU B 209 32.22 -21.59 -8.51
C LEU B 209 31.89 -22.39 -9.77
N SER B 210 30.60 -22.65 -9.95
CA SER B 210 30.15 -23.63 -10.94
C SER B 210 30.24 -23.06 -12.37
N PRO B 211 30.43 -23.93 -13.37
CA PRO B 211 30.68 -23.44 -14.74
C PRO B 211 29.55 -22.62 -15.35
N GLU B 212 28.28 -22.98 -15.13
CA GLU B 212 27.19 -22.18 -15.68
C GLU B 212 27.20 -20.74 -15.15
N ALA B 213 27.94 -20.48 -14.09
CA ALA B 213 28.05 -19.13 -13.56
C ALA B 213 29.26 -18.36 -14.06
N LEU B 214 30.26 -19.03 -14.65
CA LEU B 214 31.35 -18.33 -15.32
C LEU B 214 30.97 -17.84 -16.70
N LYS B 215 29.98 -18.46 -17.34
CA LYS B 215 29.58 -18.08 -18.69
C LYS B 215 29.38 -16.58 -18.87
N PRO B 216 28.66 -15.86 -18.00
CA PRO B 216 28.40 -14.43 -18.29
C PRO B 216 29.61 -13.52 -18.09
N LEU B 217 30.71 -14.04 -17.54
CA LEU B 217 31.82 -13.18 -17.14
C LEU B 217 32.38 -12.29 -18.25
N PRO B 218 32.49 -12.72 -19.51
CA PRO B 218 33.04 -11.80 -20.53
C PRO B 218 32.14 -10.61 -20.84
N LEU B 219 30.88 -10.62 -20.40
CA LEU B 219 30.00 -9.47 -20.62
C LEU B 219 30.07 -8.42 -19.53
N CYS B 220 30.89 -8.64 -18.50
CA CYS B 220 30.89 -7.78 -17.33
C CYS B 220 32.21 -7.05 -17.18
N ASN B 221 32.16 -5.89 -16.53
CA ASN B 221 33.37 -5.25 -16.05
C ASN B 221 33.49 -5.32 -14.52
N LEU B 222 32.57 -6.00 -13.84
CA LEU B 222 32.66 -6.18 -12.39
C LEU B 222 31.81 -7.37 -12.00
N PHE B 223 32.25 -8.06 -10.95
CA PHE B 223 31.64 -9.31 -10.52
C PHE B 223 31.83 -9.45 -9.02
N GLY B 224 30.76 -9.86 -8.34
CA GLY B 224 30.78 -10.02 -6.90
C GLY B 224 30.09 -11.31 -6.53
N ILE B 225 30.53 -11.89 -5.42
CA ILE B 225 29.96 -13.14 -4.92
C ILE B 225 29.67 -12.96 -3.44
N GLY B 226 28.41 -13.11 -3.05
CA GLY B 226 28.01 -12.83 -1.69
C GLY B 226 28.45 -13.91 -0.73
N LEU B 227 28.53 -13.55 0.54
CA LEU B 227 28.96 -14.47 1.58
C LEU B 227 27.75 -15.32 2.01
N SER B 228 27.86 -16.63 1.86
CA SER B 228 26.75 -17.56 2.14
C SER B 228 27.32 -18.89 2.62
N PRO B 229 26.53 -19.69 3.34
CA PRO B 229 26.99 -21.03 3.71
C PRO B 229 27.15 -21.94 2.50
N ALA B 230 27.93 -23.02 2.71
CA ALA B 230 28.26 -23.92 1.61
C ALA B 230 27.03 -24.69 1.13
N ASN B 231 26.19 -25.18 2.07
CA ASN B 231 24.96 -25.87 1.71
C ASN B 231 23.82 -24.91 1.35
N GLU B 232 24.15 -23.67 0.98
CA GLU B 232 23.21 -22.67 0.50
C GLU B 232 23.67 -22.22 -0.89
N ALA B 233 22.72 -21.89 -1.76
CA ALA B 233 23.09 -21.45 -3.10
C ALA B 233 23.70 -20.06 -3.05
N ASN B 234 24.88 -19.92 -3.66
CA ASN B 234 25.58 -18.63 -3.72
C ASN B 234 24.73 -17.60 -4.44
N VAL B 235 24.80 -16.34 -3.95
CA VAL B 235 24.24 -15.16 -4.62
C VAL B 235 25.35 -14.44 -5.39
N LEU B 236 25.12 -14.20 -6.67
CA LEU B 236 26.11 -13.62 -7.55
C LEU B 236 25.62 -12.30 -8.11
N TYR B 237 26.53 -11.34 -8.28
CA TYR B 237 26.24 -10.02 -8.83
C TYR B 237 27.07 -9.82 -10.09
N TYR B 238 26.41 -9.55 -11.20
CA TYR B 238 27.06 -9.28 -12.49
C TYR B 238 26.76 -7.85 -12.92
N HIS B 239 27.79 -7.06 -13.20
CA HIS B 239 27.60 -5.72 -13.78
C HIS B 239 27.85 -5.81 -15.28
N LEU B 240 26.79 -5.71 -16.08
CA LEU B 240 26.93 -5.88 -17.53
C LEU B 240 27.34 -4.57 -18.19
N GLU B 241 28.22 -4.67 -19.18
CA GLU B 241 28.59 -3.48 -19.95
C GLU B 241 27.48 -3.08 -20.93
N ASN B 242 26.68 -4.04 -21.41
CA ASN B 242 25.72 -3.77 -22.48
C ASN B 242 24.40 -4.49 -22.24
N ILE B 243 23.34 -3.71 -22.01
CA ILE B 243 22.00 -4.25 -21.74
C ILE B 243 21.52 -5.17 -22.85
N GLU B 244 22.00 -4.96 -24.08
CA GLU B 244 21.56 -5.77 -25.20
C GLU B 244 22.03 -7.21 -25.09
N ASP B 245 23.01 -7.48 -24.23
CA ASP B 245 23.56 -8.82 -24.10
C ASP B 245 22.78 -9.67 -23.10
N PHE B 246 21.92 -9.06 -22.28
CA PHE B 246 21.40 -9.71 -21.09
C PHE B 246 20.58 -10.94 -21.42
N LEU B 247 19.62 -10.83 -22.37
CA LEU B 247 18.67 -11.91 -22.54
C LEU B 247 19.29 -13.17 -23.12
N SER B 248 20.41 -13.06 -23.82
CA SER B 248 21.07 -14.26 -24.35
C SER B 248 21.65 -15.12 -23.24
N TYR B 249 22.05 -14.52 -22.12
CA TYR B 249 22.73 -15.23 -21.06
C TYR B 249 21.91 -15.44 -19.79
N PHE B 250 20.75 -14.79 -19.66
CA PHE B 250 19.92 -14.87 -18.46
C PHE B 250 18.48 -15.13 -18.84
N PRO B 251 18.03 -16.39 -18.86
CA PRO B 251 16.63 -16.68 -19.26
C PRO B 251 15.60 -16.43 -18.15
N ILE B 252 15.29 -15.15 -17.92
CA ILE B 252 14.41 -14.72 -16.83
C ILE B 252 12.94 -15.04 -17.17
N ASN B 253 12.13 -15.21 -16.11
CA ASN B 253 10.72 -15.52 -16.35
C ASN B 253 9.98 -14.27 -16.84
N ASP B 254 8.67 -14.42 -17.05
CA ASP B 254 7.94 -13.36 -17.74
C ASP B 254 7.67 -12.17 -16.83
N THR B 255 7.59 -12.37 -15.51
CA THR B 255 7.44 -11.21 -14.62
C THR B 255 8.66 -10.32 -14.71
N ALA B 256 9.85 -10.91 -14.62
CA ALA B 256 11.08 -10.15 -14.78
C ALA B 256 11.20 -9.55 -16.18
N ARG B 257 10.79 -10.28 -17.21
CA ARG B 257 10.98 -9.77 -18.55
C ARG B 257 10.19 -8.48 -18.80
N ARG B 258 9.04 -8.32 -18.15
CA ARG B 258 8.30 -7.06 -18.24
C ARG B 258 9.14 -5.88 -17.77
N VAL B 259 9.92 -6.07 -16.69
CA VAL B 259 10.77 -4.99 -16.21
C VAL B 259 11.88 -4.71 -17.21
N HIS B 260 12.55 -5.78 -17.68
CA HIS B 260 13.67 -5.63 -18.61
C HIS B 260 13.24 -4.96 -19.91
N ASP B 261 12.07 -5.35 -20.44
CA ASP B 261 11.63 -4.82 -21.72
C ASP B 261 11.26 -3.35 -21.61
N PHE B 262 10.74 -2.94 -20.46
CA PHE B 262 10.52 -1.51 -20.21
C PHE B 262 11.84 -0.75 -20.25
N TYR B 263 12.85 -1.25 -19.54
CA TYR B 263 14.12 -0.50 -19.51
C TYR B 263 14.89 -0.59 -20.82
N LEU B 264 14.63 -1.60 -21.65
CA LEU B 264 15.21 -1.58 -23.00
C LEU B 264 14.69 -0.39 -23.81
N GLN B 265 13.55 0.19 -23.44
CA GLN B 265 12.97 1.33 -24.15
C GLN B 265 13.19 2.69 -23.45
N GLN B 266 13.77 2.73 -22.26
CA GLN B 266 13.95 3.99 -21.56
C GLN B 266 15.27 4.64 -21.96
N GLU B 267 15.26 5.96 -22.07
CA GLU B 267 16.48 6.69 -22.33
C GLU B 267 17.34 6.64 -21.06
N GLY B 268 18.55 6.11 -21.20
CA GLY B 268 19.39 5.89 -20.04
C GLY B 268 20.66 5.18 -20.43
N SER B 269 21.29 4.58 -19.42
CA SER B 269 22.57 3.92 -19.58
C SER B 269 22.41 2.52 -20.19
N ARG B 270 23.39 2.12 -21.00
CA ARG B 270 23.40 0.77 -21.51
C ARG B 270 23.95 -0.23 -20.49
N ARG B 271 24.48 0.26 -19.37
CA ARG B 271 24.93 -0.65 -18.30
C ARG B 271 23.76 -1.09 -17.43
N MET B 272 23.90 -2.28 -16.83
CA MET B 272 22.87 -2.81 -15.97
C MET B 272 23.54 -3.80 -15.01
N TRP B 273 22.84 -4.11 -13.90
CA TRP B 273 23.30 -5.10 -12.91
C TRP B 273 22.21 -6.17 -12.76
N VAL B 274 22.62 -7.37 -12.36
CA VAL B 274 21.66 -8.42 -12.01
C VAL B 274 22.20 -9.16 -10.79
N ALA B 275 21.30 -9.52 -9.85
CA ALA B 275 21.69 -10.33 -8.71
C ALA B 275 20.77 -11.54 -8.63
N LEU B 276 21.36 -12.72 -8.46
CA LEU B 276 20.57 -13.96 -8.46
C LEU B 276 21.38 -15.06 -7.81
N SER B 277 20.68 -16.12 -7.42
CA SER B 277 21.34 -17.26 -6.83
C SER B 277 21.87 -18.19 -7.92
N GLU B 278 23.00 -18.83 -7.62
CA GLU B 278 23.61 -19.74 -8.56
C GLU B 278 22.68 -20.88 -8.94
N SER B 279 21.77 -21.27 -8.03
CA SER B 279 20.85 -22.36 -8.32
C SER B 279 19.83 -21.98 -9.41
N GLU B 280 19.53 -20.69 -9.55
CA GLU B 280 18.60 -20.24 -10.59
C GLU B 280 19.15 -20.46 -11.99
N MET B 281 20.46 -20.31 -12.17
CA MET B 281 21.16 -20.37 -13.46
C MET B 281 21.31 -21.78 -14.02
N LYS B 282 20.68 -22.78 -13.41
CA LYS B 282 20.70 -24.14 -13.91
C LYS B 282 19.32 -24.77 -13.97
N ALA B 283 18.29 -24.06 -13.49
CA ALA B 283 16.97 -24.62 -13.24
C ALA B 283 15.99 -24.10 -14.28
N GLY B 284 16.11 -24.60 -15.51
CA GLY B 284 15.31 -24.11 -16.61
C GLY B 284 15.29 -22.60 -16.77
N ARG B 285 14.43 -21.94 -15.99
CA ARG B 285 14.16 -20.52 -16.08
C ARG B 285 14.63 -19.81 -14.81
N ILE B 286 14.98 -18.53 -14.94
CA ILE B 286 15.33 -17.70 -13.79
C ILE B 286 14.04 -17.07 -13.24
N ASN B 287 13.64 -17.48 -12.03
CA ASN B 287 12.39 -17.04 -11.44
C ASN B 287 12.56 -16.19 -10.19
N ASN B 288 13.78 -15.97 -9.72
CA ASN B 288 14.02 -15.12 -8.56
C ASN B 288 15.27 -14.32 -8.88
N VAL B 289 15.12 -13.00 -9.01
CA VAL B 289 16.20 -12.17 -9.52
C VAL B 289 15.91 -10.70 -9.21
N ASN B 290 16.97 -9.93 -8.96
CA ASN B 290 16.90 -8.47 -8.88
C ASN B 290 17.55 -7.90 -10.13
N LEU B 291 16.91 -6.89 -10.73
CA LEU B 291 17.45 -6.24 -11.93
C LEU B 291 17.58 -4.75 -11.64
N TYR B 292 18.72 -4.16 -12.01
CA TYR B 292 19.01 -2.75 -11.76
C TYR B 292 19.38 -2.00 -13.05
N TYR B 293 18.79 -0.84 -13.26
CA TYR B 293 18.99 -0.02 -14.46
C TYR B 293 19.22 1.43 -14.05
N SER B 294 19.93 2.19 -14.86
CA SER B 294 20.38 3.49 -14.32
C SER B 294 20.42 4.56 -15.41
N LYS B 295 20.57 5.81 -14.96
CA LYS B 295 20.75 6.97 -15.83
C LYS B 295 21.65 7.94 -15.10
N ALA B 296 22.53 8.62 -15.83
CA ALA B 296 23.48 9.57 -15.25
C ALA B 296 23.00 11.01 -15.46
N PHE B 297 23.34 11.88 -14.50
CA PHE B 297 22.96 13.28 -14.50
C PHE B 297 24.21 14.07 -14.15
N THR B 298 24.75 14.82 -15.12
CA THR B 298 25.97 15.58 -14.94
C THR B 298 25.75 16.99 -15.48
N SER B 299 26.48 17.95 -14.94
CA SER B 299 26.43 19.32 -15.45
C SER B 299 27.21 19.46 -16.75
N GLN B 300 26.77 20.41 -17.60
CA GLN B 300 27.57 20.80 -18.75
C GLN B 300 28.79 21.55 -18.23
N GLY C 2 -24.12 7.69 12.16
CA GLY C 2 -25.38 8.23 11.65
C GLY C 2 -25.60 8.18 10.13
N ALA C 3 -24.74 7.42 9.44
CA ALA C 3 -24.85 7.21 8.01
C ALA C 3 -25.82 6.06 7.73
N HIS C 4 -26.28 5.99 6.47
CA HIS C 4 -27.15 4.97 5.90
C HIS C 4 -28.62 5.04 6.35
N THR C 5 -29.02 5.99 7.19
CA THR C 5 -30.41 6.03 7.60
C THR C 5 -31.23 6.92 6.66
N ILE C 6 -32.55 6.84 6.79
CA ILE C 6 -33.43 7.52 5.85
C ILE C 6 -33.36 9.04 6.08
#